data_8D2A
#
_entry.id   8D2A
#
_cell.length_a   23.075
_cell.length_b   29.662
_cell.length_c   80.291
_cell.angle_alpha   95.390
_cell.angle_beta   89.990
_cell.angle_gamma   109.010
#
_symmetry.space_group_name_H-M   'P 1'
#
loop_
_entity.id
_entity.type
_entity.pdbx_description
1 polymer 'RNA (33-MER)'
2 non-polymer 6-methoxy-7-[(1-methylpiperidin-4-yl)methoxy]quinazolin-4-ol
3 non-polymer 'SODIUM ION'
4 non-polymer 'MAGNESIUM ION'
5 water water
#
_entity_poly.entity_id   1
_entity_poly.type   'polyribonucleotide'
_entity_poly.pdbx_seq_one_letter_code
;GGCGAUACCAGCCGAAAGGCCCUUGGCAGCGCC
;
_entity_poly.pdbx_strand_id   A,B
#
loop_
_chem_comp.id
_chem_comp.type
_chem_comp.name
_chem_comp.formula
A RNA linking ADENOSINE-5'-MONOPHOSPHATE 'C10 H14 N5 O7 P'
C RNA linking CYTIDINE-5'-MONOPHOSPHATE 'C9 H14 N3 O8 P'
G RNA linking GUANOSINE-5'-MONOPHOSPHATE 'C10 H14 N5 O8 P'
MG non-polymer 'MAGNESIUM ION' 'Mg 2'
NA non-polymer 'SODIUM ION' 'Na 1'
QB3 non-polymer 6-methoxy-7-[(1-methylpiperidin-4-yl)methoxy]quinazolin-4-ol 'C16 H21 N3 O3'
U RNA linking URIDINE-5'-MONOPHOSPHATE 'C9 H13 N2 O9 P'
#
# COMPACT_ATOMS: atom_id res chain seq x y z
C13 QB3 C . 8.39 -8.72 11.96
C15 QB3 C . 11.38 -9.00 6.12
C17 QB3 C . 12.13 -10.43 4.36
C21 QB3 C . 11.77 -7.94 5.38
C22 QB3 C . 11.62 -6.62 5.90
C01 QB3 C . 10.74 -4.12 6.87
C03 QB3 C . 11.04 -6.44 7.17
C04 QB3 C . 10.64 -7.53 7.91
C06 QB3 C . 9.24 -8.18 9.73
C07 QB3 C . 8.97 -7.66 11.16
C08 QB3 C . 8.13 -6.49 11.10
C09 QB3 C . 7.64 -6.01 12.48
C11 QB3 C . 6.77 -6.70 14.40
C12 QB3 C . 7.99 -8.21 13.35
C14 QB3 C . 10.80 -8.81 7.41
C19 QB3 C . 12.35 -8.17 4.12
N10 QB3 C . 7.08 -7.08 13.28
N16 QB3 C . 11.56 -10.24 5.58
N18 QB3 C . 12.52 -9.38 3.63
O02 QB3 C . 10.86 -5.19 7.76
O05 QB3 C . 10.10 -7.25 9.15
O20 QB3 C . 12.74 -7.06 3.37
H131 QB3 C . 7.59 -9.07 11.50
H132 QB3 C . 9.03 -9.44 12.05
H171 QB3 C . 12.23 -11.29 4.03
H221 QB3 C . 11.88 -5.88 5.39
H012 QB3 C . 10.56 -3.31 7.38
H011 QB3 C . 10.02 -4.29 6.25
H013 QB3 C . 11.57 -4.01 6.40
H061 QB3 C . 9.67 -9.05 9.76
H062 QB3 C . 8.41 -8.23 9.24
H071 QB3 C . 9.83 -7.42 11.56
H082 QB3 C . 7.36 -6.69 10.56
H081 QB3 C . 8.63 -5.78 10.70
H091 QB3 C . 8.38 -5.62 12.96
H092 QB3 C . 6.96 -5.33 12.35
H111 QB3 C . 6.34 -7.43 14.87
H112 QB3 C . 6.14 -5.96 14.32
H113 QB3 C . 7.56 -6.42 14.88
H122 QB3 C . 8.79 -7.94 13.82
H121 QB3 C . 7.56 -8.93 13.83
H141 QB3 C . 10.55 -9.55 7.92
H201 QB3 C . 12.31 -7.05 2.64
NA NA D . 11.92 -11.81 -3.27
MG MG E . 16.37 -15.18 5.24
NA NA F . 6.97 -15.74 3.63
C13 QB3 G . -9.92 11.40 -8.39
C15 QB3 G . -10.00 5.41 -10.79
C17 QB3 G . -9.47 4.24 -12.79
C21 QB3 G . -10.22 4.25 -10.14
C22 QB3 G . -10.60 4.28 -8.77
C01 QB3 G . -11.50 4.52 -6.07
C03 QB3 G . -10.76 5.52 -8.12
C04 QB3 G . -10.52 6.70 -8.80
C06 QB3 G . -9.88 8.99 -8.44
C07 QB3 G . -10.33 10.23 -7.63
C08 QB3 G . -9.85 10.10 -6.26
C09 QB3 G . -9.56 11.44 -5.57
C11 QB3 G . -8.34 13.30 -5.88
C12 QB3 G . -9.66 12.66 -7.57
C14 QB3 G . -10.15 6.66 -10.14
C19 QB3 G . -10.05 3.04 -10.87
N10 QB3 G . -8.83 12.33 -6.44
N16 QB3 G . -9.62 5.39 -12.11
N18 QB3 G . -9.69 3.06 -12.15
O02 QB3 G . -11.15 5.68 -6.78
O05 QB3 G . -10.69 7.91 -8.09
O20 QB3 G . -10.26 1.77 -10.29
H131 QB3 G . -9.09 11.17 -8.86
H132 QB3 G . -10.61 11.60 -9.04
H171 QB3 G . -9.22 4.24 -13.68
H221 QB3 G . -10.74 3.50 -8.30
H012 QB3 G . -10.73 3.95 -5.95
H011 QB3 G . -11.85 4.76 -5.19
H013 QB3 G . -12.19 4.04 -6.56
H061 QB3 G . -9.96 9.18 -9.39
H062 QB3 G . -8.96 8.78 -8.23
H071 QB3 G . -11.30 10.30 -7.54
H082 QB3 G . -10.53 9.63 -5.76
H081 QB3 G . -9.04 9.58 -6.28
H091 QB3 G . -10.39 11.85 -5.31
H092 QB3 G . -9.02 11.27 -4.77
H111 QB3 G . -9.05 13.86 -5.53
H112 QB3 G . -7.82 13.81 -6.52
H113 QB3 G . -7.77 13.00 -5.16
H122 QB3 G . -9.20 13.32 -8.12
H121 QB3 G . -10.50 13.03 -7.27
H141 QB3 G . -10.01 7.46 -10.61
H201 QB3 G . -10.97 1.43 -10.61
NA NA H . -2.81 7.07 -15.44
MG MG I . -12.54 5.01 -18.36
NA NA J . -5.72 -2.10 -15.62
#